data_5Q1I
#
_entry.id   5Q1I
#
_cell.length_a   93.394
_cell.length_b   93.394
_cell.length_c   47.884
_cell.angle_alpha   90.000
_cell.angle_beta   90.000
_cell.angle_gamma   120.000
#
_symmetry.space_group_name_H-M   'P 65'
#
loop_
_entity.id
_entity.type
_entity.pdbx_description
1 polymer 'Bile acid receptor'
2 polymer 'COACTIVATOR PEPTIDE SRC-1 HD3'
3 non-polymer 3-(2-chlorophenyl)-N-[(1R)-1-(naphthalen-2-yl)ethyl]-5-(propan-2-yl)-1,2-oxazole-4-carboxamide
4 water water
#
loop_
_entity_poly.entity_id
_entity_poly.type
_entity_poly.pdbx_seq_one_letter_code
_entity_poly.pdbx_strand_id
1 'polypeptide(L)'
;GSHMELTPDQQTLLHFIMDSYNKQRMPQEITNKILKEAFSAEENFLILTEMATNHVQVLVEFTKKLPGFQTLDHEDQIAL
LKGSAVEAMFLRSAEIFNKKLPSGHSDLLEARIRNSGISDEYITPMFSFYKSIGELKMTQEEYALLTAIVILSPDRQYIK
DREAVEKLQEPLLDVLQKLCKIHQPENPQHFACLLGRLTELRTFNHHHAEMLMSWRVNDHKFTPLLCEIWDVQ
;
A
2 'polypeptide(L)' KDHQLLRYLLDKDE B
#
# COMPACT_ATOMS: atom_id res chain seq x y z
N MET A 4 22.73 0.35 20.71
CA MET A 4 21.85 1.04 19.77
C MET A 4 20.37 0.94 20.18
N GLU A 5 19.73 2.10 20.39
CA GLU A 5 18.32 2.17 20.81
C GLU A 5 17.61 3.35 20.12
N LEU A 6 16.28 3.27 19.97
CA LEU A 6 15.52 4.40 19.46
C LEU A 6 15.39 5.39 20.62
N THR A 7 15.38 6.69 20.31
CA THR A 7 15.19 7.75 21.32
C THR A 7 13.69 7.69 21.76
N PRO A 8 13.31 8.21 22.96
CA PRO A 8 11.88 8.20 23.35
C PRO A 8 10.97 8.84 22.30
N ASP A 9 11.48 9.88 21.62
CA ASP A 9 10.79 10.58 20.54
C ASP A 9 10.55 9.62 19.36
N GLN A 10 11.57 8.82 19.00
CA GLN A 10 11.51 7.83 17.91
C GLN A 10 10.59 6.67 18.24
N GLN A 11 10.60 6.22 19.52
CA GLN A 11 9.75 5.14 20.04
C GLN A 11 8.30 5.54 19.98
N THR A 12 8.01 6.83 20.26
CA THR A 12 6.66 7.40 20.24
C THR A 12 6.15 7.43 18.81
N LEU A 13 6.96 7.99 17.88
CA LEU A 13 6.65 8.04 16.45
C LEU A 13 6.37 6.61 15.93
N LEU A 14 7.27 5.66 16.25
CA LEU A 14 7.08 4.27 15.82
C LEU A 14 5.80 3.66 16.39
N HIS A 15 5.55 3.85 17.70
CA HIS A 15 4.34 3.32 18.33
C HIS A 15 3.04 3.85 17.69
N PHE A 16 2.98 5.13 17.33
CA PHE A 16 1.80 5.73 16.69
C PHE A 16 1.56 5.08 15.31
N ILE A 17 2.64 4.81 14.58
CA ILE A 17 2.60 4.17 13.25
C ILE A 17 2.16 2.71 13.41
N MET A 18 2.80 1.98 14.33
CA MET A 18 2.46 0.56 14.58
C MET A 18 1.03 0.34 15.01
N ASP A 19 0.53 1.15 15.96
CA ASP A 19 -0.84 1.06 16.44
C ASP A 19 -1.85 1.23 15.31
N SER A 20 -1.65 2.25 14.46
CA SER A 20 -2.53 2.54 13.34
C SER A 20 -2.45 1.45 12.27
N TYR A 21 -1.25 0.91 12.02
CA TYR A 21 -1.08 -0.14 11.01
C TYR A 21 -1.75 -1.45 11.41
N ASN A 22 -1.75 -1.77 12.71
CA ASN A 22 -2.35 -2.97 13.29
C ASN A 22 -3.89 -3.00 13.21
N LYS A 23 -4.52 -1.84 12.91
CA LYS A 23 -5.99 -1.71 12.81
C LYS A 23 -6.59 -2.38 11.57
N GLN A 24 -5.81 -2.49 10.46
CA GLN A 24 -6.30 -3.13 9.22
C GLN A 24 -6.56 -4.62 9.38
N ARG A 25 -7.79 -5.02 9.06
CA ARG A 25 -8.23 -6.41 9.13
C ARG A 25 -9.13 -6.74 7.94
N MET A 26 -8.88 -7.91 7.33
CA MET A 26 -9.63 -8.44 6.18
C MET A 26 -11.07 -8.78 6.64
N PRO A 27 -12.11 -8.08 6.12
CA PRO A 27 -13.48 -8.40 6.56
C PRO A 27 -13.90 -9.82 6.19
N GLN A 28 -14.72 -10.44 7.05
CA GLN A 28 -15.23 -11.80 6.92
C GLN A 28 -15.97 -12.05 5.62
N GLU A 29 -16.82 -11.10 5.19
CA GLU A 29 -17.60 -11.23 3.96
C GLU A 29 -16.74 -11.32 2.71
N ILE A 30 -15.61 -10.60 2.67
CA ILE A 30 -14.69 -10.69 1.53
C ILE A 30 -13.98 -12.05 1.53
N THR A 31 -13.59 -12.54 2.73
CA THR A 31 -12.94 -13.83 2.96
C THR A 31 -13.83 -14.97 2.53
N ASN A 32 -15.13 -14.93 2.89
CA ASN A 32 -16.13 -15.94 2.53
C ASN A 32 -16.37 -15.99 1.01
N LYS A 33 -16.24 -14.84 0.33
CA LYS A 33 -16.38 -14.75 -1.13
C LYS A 33 -15.28 -15.51 -1.85
N ILE A 34 -14.01 -15.44 -1.36
CA ILE A 34 -12.87 -16.17 -1.94
C ILE A 34 -13.13 -17.68 -1.87
N LEU A 35 -13.84 -18.11 -0.82
CA LEU A 35 -14.17 -19.50 -0.58
C LEU A 35 -15.40 -20.00 -1.34
N LYS A 36 -16.41 -19.14 -1.55
CA LYS A 36 -17.70 -19.59 -2.09
C LYS A 36 -17.99 -19.28 -3.56
N GLU A 37 -17.56 -18.12 -4.07
CA GLU A 37 -17.86 -17.66 -5.44
C GLU A 37 -17.41 -18.61 -6.55
N ALA A 38 -18.14 -18.59 -7.68
CA ALA A 38 -17.80 -19.38 -8.86
C ALA A 38 -16.39 -18.97 -9.34
N PHE A 39 -15.60 -19.94 -9.79
CA PHE A 39 -14.25 -19.66 -10.24
C PHE A 39 -14.28 -19.28 -11.73
N SER A 40 -14.51 -18.00 -12.02
CA SER A 40 -14.57 -17.48 -13.39
C SER A 40 -13.93 -16.10 -13.41
N ALA A 41 -13.51 -15.61 -14.60
CA ALA A 41 -12.87 -14.29 -14.75
C ALA A 41 -13.70 -13.17 -14.12
N GLU A 42 -15.02 -13.17 -14.36
CA GLU A 42 -15.96 -12.17 -13.88
C GLU A 42 -16.10 -12.15 -12.36
N GLU A 43 -16.34 -13.33 -11.74
CA GLU A 43 -16.48 -13.44 -10.29
C GLU A 43 -15.19 -13.12 -9.58
N ASN A 44 -14.05 -13.56 -10.15
CA ASN A 44 -12.71 -13.34 -9.58
C ASN A 44 -12.35 -11.87 -9.57
N PHE A 45 -12.60 -11.17 -10.67
CA PHE A 45 -12.31 -9.74 -10.78
C PHE A 45 -13.14 -8.90 -9.82
N LEU A 46 -14.43 -9.27 -9.63
CA LEU A 46 -15.37 -8.64 -8.70
C LEU A 46 -14.84 -8.74 -7.24
N ILE A 47 -14.23 -9.88 -6.87
CA ILE A 47 -13.59 -10.07 -5.55
C ILE A 47 -12.39 -9.12 -5.42
N LEU A 48 -11.57 -9.02 -6.48
CA LEU A 48 -10.41 -8.11 -6.52
C LEU A 48 -10.85 -6.66 -6.31
N THR A 49 -11.93 -6.26 -7.00
CA THR A 49 -12.55 -4.92 -6.94
C THR A 49 -12.96 -4.61 -5.49
N GLU A 50 -13.66 -5.55 -4.82
CA GLU A 50 -14.10 -5.40 -3.43
C GLU A 50 -12.91 -5.25 -2.50
N MET A 51 -11.84 -6.00 -2.75
CA MET A 51 -10.61 -5.92 -1.95
C MET A 51 -9.94 -4.55 -2.10
N ALA A 52 -9.90 -4.02 -3.34
CA ALA A 52 -9.36 -2.69 -3.67
C ALA A 52 -10.17 -1.57 -2.99
N THR A 53 -11.52 -1.66 -2.96
CA THR A 53 -12.34 -0.62 -2.30
C THR A 53 -12.17 -0.68 -0.79
N ASN A 54 -12.02 -1.90 -0.21
CA ASN A 54 -11.78 -2.05 1.23
CA ASN A 54 -11.78 -2.04 1.24
C ASN A 54 -10.40 -1.45 1.57
N HIS A 55 -9.37 -1.77 0.76
CA HIS A 55 -8.01 -1.25 1.00
C HIS A 55 -7.93 0.28 1.00
N VAL A 56 -8.60 0.95 0.05
CA VAL A 56 -8.61 2.43 -0.02
C VAL A 56 -9.13 3.05 1.30
N GLN A 57 -10.21 2.46 1.85
CA GLN A 57 -10.81 2.93 3.09
C GLN A 57 -9.85 2.74 4.24
N VAL A 58 -9.19 1.57 4.29
CA VAL A 58 -8.20 1.21 5.30
C VAL A 58 -6.99 2.16 5.20
N LEU A 59 -6.54 2.46 3.97
CA LEU A 59 -5.41 3.33 3.71
C LEU A 59 -5.70 4.75 4.21
N VAL A 60 -6.90 5.26 3.97
CA VAL A 60 -7.24 6.62 4.41
C VAL A 60 -7.22 6.68 5.96
N GLU A 61 -7.77 5.65 6.64
CA GLU A 61 -7.83 5.60 8.11
C GLU A 61 -6.43 5.57 8.70
N PHE A 62 -5.53 4.78 8.11
CA PHE A 62 -4.14 4.66 8.51
C PHE A 62 -3.43 5.99 8.36
N THR A 63 -3.57 6.62 7.18
CA THR A 63 -2.96 7.89 6.83
C THR A 63 -3.36 9.01 7.78
N LYS A 64 -4.64 9.05 8.17
CA LYS A 64 -5.17 10.08 9.08
C LYS A 64 -4.50 10.08 10.46
N LYS A 65 -4.02 8.92 10.90
CA LYS A 65 -3.37 8.73 12.19
C LYS A 65 -1.84 8.90 12.12
N LEU A 66 -1.28 9.12 10.91
CA LEU A 66 0.17 9.33 10.74
C LEU A 66 0.56 10.65 11.43
N PRO A 67 1.52 10.64 12.38
CA PRO A 67 1.89 11.90 13.06
C PRO A 67 2.20 13.03 12.08
N GLY A 68 1.41 14.11 12.17
CA GLY A 68 1.58 15.29 11.33
C GLY A 68 0.77 15.36 10.06
N PHE A 69 0.24 14.23 9.56
CA PHE A 69 -0.55 14.23 8.32
C PHE A 69 -1.67 15.27 8.32
N GLN A 70 -2.45 15.32 9.42
CA GLN A 70 -3.56 16.23 9.64
C GLN A 70 -3.12 17.71 9.73
N THR A 71 -1.80 17.97 9.90
CA THR A 71 -1.28 19.34 10.00
C THR A 71 -0.93 19.92 8.62
N LEU A 72 -0.92 19.09 7.58
CA LEU A 72 -0.64 19.52 6.22
C LEU A 72 -1.85 20.25 5.63
N ASP A 73 -1.62 21.07 4.58
CA ASP A 73 -2.66 21.78 3.83
C ASP A 73 -3.62 20.72 3.30
N HIS A 74 -4.94 20.95 3.44
CA HIS A 74 -5.98 20.01 3.03
C HIS A 74 -5.82 19.47 1.61
N GLU A 75 -5.45 20.32 0.64
CA GLU A 75 -5.27 19.88 -0.75
C GLU A 75 -4.00 19.03 -0.91
N ASP A 76 -3.00 19.25 -0.05
CA ASP A 76 -1.77 18.44 -0.08
C ASP A 76 -2.05 17.05 0.48
N GLN A 77 -3.00 16.95 1.44
CA GLN A 77 -3.41 15.68 2.02
C GLN A 77 -4.04 14.78 0.95
N ILE A 78 -4.91 15.36 0.11
CA ILE A 78 -5.59 14.72 -1.03
C ILE A 78 -4.55 14.22 -2.03
N ALA A 79 -3.64 15.12 -2.46
CA ALA A 79 -2.54 14.87 -3.39
C ALA A 79 -1.67 13.68 -2.92
N LEU A 80 -1.40 13.57 -1.59
CA LEU A 80 -0.60 12.47 -1.01
C LEU A 80 -1.37 11.17 -1.06
N LEU A 81 -2.66 11.20 -0.71
CA LEU A 81 -3.51 10.01 -0.74
C LEU A 81 -3.67 9.52 -2.17
N LYS A 82 -3.93 10.45 -3.10
CA LYS A 82 -4.09 10.12 -4.51
C LYS A 82 -2.83 9.47 -5.09
N GLY A 83 -1.69 10.09 -4.83
CA GLY A 83 -0.39 9.62 -5.34
C GLY A 83 0.17 8.36 -4.73
N SER A 84 -0.33 7.91 -3.55
CA SER A 84 0.22 6.73 -2.90
C SER A 84 -0.67 5.49 -2.94
N ALA A 85 -1.97 5.67 -3.30
CA ALA A 85 -2.98 4.61 -3.33
C ALA A 85 -2.51 3.31 -3.98
N VAL A 86 -1.92 3.39 -5.17
CA VAL A 86 -1.45 2.21 -5.91
C VAL A 86 -0.23 1.59 -5.20
N GLU A 87 0.81 2.38 -4.93
CA GLU A 87 2.01 1.86 -4.25
C GLU A 87 1.67 1.18 -2.91
N ALA A 88 0.82 1.81 -2.09
CA ALA A 88 0.42 1.26 -0.79
C ALA A 88 -0.31 -0.06 -0.95
N MET A 89 -1.17 -0.17 -1.98
CA MET A 89 -1.92 -1.41 -2.25
C MET A 89 -0.98 -2.58 -2.59
N PHE A 90 0.04 -2.32 -3.43
CA PHE A 90 1.02 -3.35 -3.79
C PHE A 90 1.87 -3.74 -2.59
N LEU A 91 2.18 -2.78 -1.71
CA LEU A 91 2.99 -3.08 -0.52
C LEU A 91 2.20 -3.96 0.46
N ARG A 92 0.90 -3.67 0.65
CA ARG A 92 0.03 -4.45 1.51
C ARG A 92 -0.19 -5.85 0.90
N SER A 93 -0.33 -5.93 -0.43
CA SER A 93 -0.46 -7.19 -1.18
C SER A 93 0.77 -8.06 -1.00
N ALA A 94 1.98 -7.44 -0.97
CA ALA A 94 3.24 -8.17 -0.73
C ALA A 94 3.21 -8.77 0.67
N GLU A 95 2.74 -7.99 1.67
CA GLU A 95 2.63 -8.43 3.06
C GLU A 95 1.64 -9.63 3.18
N ILE A 96 0.43 -9.51 2.57
CA ILE A 96 -0.59 -10.59 2.55
C ILE A 96 0.00 -11.88 1.93
N PHE A 97 0.73 -11.77 0.80
CA PHE A 97 1.34 -12.91 0.12
C PHE A 97 2.38 -13.64 0.98
N ASN A 98 3.24 -12.88 1.66
CA ASN A 98 4.33 -13.40 2.48
C ASN A 98 3.90 -13.79 3.88
N LYS A 99 2.66 -13.45 4.28
CA LYS A 99 2.07 -13.83 5.56
C LYS A 99 0.96 -14.87 5.29
N LYS A 100 0.71 -15.14 3.99
CA LYS A 100 -0.25 -16.10 3.44
C LYS A 100 -1.67 -15.89 3.99
N LEU A 101 -2.20 -14.66 3.86
CA LEU A 101 -3.55 -14.30 4.28
C LEU A 101 -4.55 -14.48 3.09
N PRO A 102 -5.87 -14.74 3.29
CA PRO A 102 -6.64 -14.86 4.57
C PRO A 102 -6.37 -16.10 5.41
N SER A 103 -5.46 -17.01 4.96
CA SER A 103 -5.04 -18.24 5.64
C SER A 103 -6.19 -19.21 5.93
N HIS A 105 -6.58 -20.27 2.67
CA HIS A 105 -7.30 -19.30 1.85
C HIS A 105 -6.40 -18.53 0.88
N SER A 106 -5.09 -18.44 1.17
CA SER A 106 -4.11 -17.73 0.35
C SER A 106 -3.91 -18.31 -1.04
N ASP A 107 -3.88 -19.65 -1.15
CA ASP A 107 -3.70 -20.33 -2.43
C ASP A 107 -4.93 -20.15 -3.31
N LEU A 108 -6.12 -20.12 -2.71
CA LEU A 108 -7.36 -19.87 -3.45
C LEU A 108 -7.38 -18.44 -3.97
N LEU A 109 -7.02 -17.45 -3.11
CA LEU A 109 -6.96 -16.04 -3.51
C LEU A 109 -5.95 -15.84 -4.66
N GLU A 110 -4.76 -16.45 -4.56
CA GLU A 110 -3.76 -16.38 -5.63
C GLU A 110 -4.32 -16.95 -6.94
N ALA A 111 -5.04 -18.09 -6.86
CA ALA A 111 -5.67 -18.74 -8.00
C ALA A 111 -6.71 -17.80 -8.63
N ARG A 112 -7.46 -17.03 -7.79
CA ARG A 112 -8.46 -16.09 -8.32
C ARG A 112 -7.80 -14.93 -9.07
N ILE A 113 -6.73 -14.32 -8.49
CA ILE A 113 -5.98 -13.21 -9.12
C ILE A 113 -5.40 -13.61 -10.49
N ARG A 114 -4.90 -14.85 -10.60
CA ARG A 114 -4.34 -15.40 -11.84
C ARG A 114 -5.40 -15.77 -12.89
N ASN A 115 -6.67 -15.79 -12.50
CA ASN A 115 -7.77 -16.11 -13.40
C ASN A 115 -8.90 -15.07 -13.28
N SER A 116 -8.52 -13.79 -13.32
CA SER A 116 -9.43 -12.65 -13.19
C SER A 116 -9.53 -11.82 -14.50
N GLY A 117 -8.88 -12.30 -15.55
CA GLY A 117 -8.90 -11.65 -16.84
C GLY A 117 -7.79 -10.64 -17.02
N ILE A 118 -6.93 -10.47 -16.00
CA ILE A 118 -5.79 -9.56 -16.06
C ILE A 118 -4.64 -10.26 -16.78
N SER A 119 -4.00 -9.56 -17.75
CA SER A 119 -2.87 -10.06 -18.55
C SER A 119 -1.66 -10.41 -17.70
N ASP A 120 -0.84 -11.37 -18.19
CA ASP A 120 0.39 -11.81 -17.51
C ASP A 120 1.45 -10.71 -17.50
N GLU A 121 1.32 -9.71 -18.39
CA GLU A 121 2.20 -8.54 -18.47
C GLU A 121 2.17 -7.78 -17.13
N TYR A 122 1.02 -7.81 -16.44
CA TYR A 122 0.87 -7.15 -15.16
C TYR A 122 0.92 -8.10 -13.98
N ILE A 123 0.42 -9.35 -14.14
CA ILE A 123 0.42 -10.37 -13.08
C ILE A 123 1.85 -10.87 -12.75
N THR A 124 2.69 -11.13 -13.77
CA THR A 124 4.05 -11.65 -13.56
C THR A 124 4.94 -10.67 -12.75
N PRO A 125 5.18 -9.37 -13.11
CA PRO A 125 6.00 -8.51 -12.23
C PRO A 125 5.41 -8.35 -10.82
N MET A 126 4.09 -8.54 -10.67
CA MET A 126 3.34 -8.45 -9.42
C MET A 126 3.87 -9.53 -8.44
N PHE A 127 3.79 -10.83 -8.82
CA PHE A 127 4.29 -11.93 -7.97
C PHE A 127 5.80 -11.94 -7.82
N SER A 128 6.53 -11.43 -8.84
CA SER A 128 7.99 -11.30 -8.79
C SER A 128 8.34 -10.30 -7.67
N PHE A 129 7.56 -9.23 -7.54
CA PHE A 129 7.77 -8.24 -6.49
C PHE A 129 7.47 -8.82 -5.09
N TYR A 130 6.39 -9.63 -4.96
CA TYR A 130 6.01 -10.24 -3.69
C TYR A 130 7.10 -11.20 -3.21
N LYS A 131 7.68 -11.96 -4.15
CA LYS A 131 8.78 -12.90 -3.88
C LYS A 131 10.02 -12.12 -3.46
N SER A 132 10.31 -10.99 -4.15
CA SER A 132 11.43 -10.10 -3.83
C SER A 132 11.30 -9.53 -2.40
N ILE A 133 10.08 -9.14 -1.98
CA ILE A 133 9.78 -8.62 -0.64
C ILE A 133 9.94 -9.74 0.39
N GLY A 134 9.48 -10.94 0.04
CA GLY A 134 9.58 -12.13 0.88
C GLY A 134 10.99 -12.49 1.27
N GLU A 135 11.94 -12.28 0.35
CA GLU A 135 13.37 -12.55 0.56
C GLU A 135 13.97 -11.68 1.68
N LEU A 136 13.44 -10.46 1.88
CA LEU A 136 13.96 -9.56 2.91
C LEU A 136 13.44 -9.86 4.31
N LYS A 137 12.52 -10.84 4.47
CA LYS A 137 11.93 -11.25 5.75
C LYS A 137 11.59 -10.02 6.58
N MET A 138 10.75 -9.16 6.00
CA MET A 138 10.35 -7.90 6.60
C MET A 138 9.50 -8.07 7.83
N THR A 139 9.83 -7.33 8.89
CA THR A 139 9.07 -7.34 10.14
C THR A 139 7.84 -6.44 9.91
N GLN A 140 6.86 -6.52 10.82
CA GLN A 140 5.66 -5.69 10.77
C GLN A 140 6.03 -4.19 10.89
N GLU A 141 7.09 -3.85 11.66
CA GLU A 141 7.58 -2.47 11.82
C GLU A 141 8.06 -1.94 10.48
N GLU A 142 8.72 -2.80 9.68
CA GLU A 142 9.24 -2.42 8.36
C GLU A 142 8.12 -2.19 7.36
N TYR A 143 7.10 -3.07 7.35
CA TYR A 143 5.93 -2.88 6.47
C TYR A 143 5.21 -1.58 6.80
N ALA A 144 4.96 -1.33 8.11
CA ALA A 144 4.26 -0.12 8.55
C ALA A 144 5.07 1.16 8.21
N LEU A 145 6.38 1.18 8.52
CA LEU A 145 7.22 2.35 8.24
C LEU A 145 7.34 2.62 6.77
N LEU A 146 7.53 1.57 5.96
CA LEU A 146 7.63 1.70 4.51
C LEU A 146 6.35 2.25 3.92
N THR A 147 5.18 1.80 4.43
CA THR A 147 3.87 2.31 4.00
C THR A 147 3.80 3.80 4.32
N ALA A 148 4.16 4.22 5.54
CA ALA A 148 4.15 5.64 5.92
C ALA A 148 5.12 6.48 5.05
N ILE A 149 6.27 5.91 4.67
CA ILE A 149 7.26 6.61 3.82
C ILE A 149 6.75 6.78 2.40
N VAL A 150 6.02 5.77 1.88
CA VAL A 150 5.40 5.77 0.56
C VAL A 150 4.32 6.88 0.53
N ILE A 151 3.46 6.95 1.58
CA ILE A 151 2.39 7.95 1.66
C ILE A 151 2.95 9.38 1.79
N LEU A 152 3.94 9.53 2.67
CA LEU A 152 4.53 10.84 2.96
C LEU A 152 5.67 11.19 2.02
N SER A 153 5.49 10.89 0.73
CA SER A 153 6.47 11.17 -0.31
CA SER A 153 6.47 11.17 -0.32
C SER A 153 6.36 12.64 -0.73
N PRO A 154 7.41 13.47 -0.49
CA PRO A 154 7.30 14.89 -0.83
C PRO A 154 7.42 15.26 -2.30
N ASP A 155 7.72 14.28 -3.18
CA ASP A 155 7.87 14.53 -4.61
C ASP A 155 6.65 14.10 -5.44
N ARG A 156 5.48 13.91 -4.79
CA ARG A 156 4.25 13.56 -5.52
C ARG A 156 3.78 14.79 -6.28
N GLN A 157 3.11 14.56 -7.41
CA GLN A 157 2.57 15.64 -8.23
C GLN A 157 1.47 16.36 -7.47
N TYR A 158 1.30 17.66 -7.74
CA TYR A 158 0.26 18.56 -7.21
C TYR A 158 0.42 18.93 -5.71
N ILE A 159 1.61 18.70 -5.09
CA ILE A 159 1.86 19.13 -3.70
C ILE A 159 2.31 20.60 -3.74
N LYS A 160 1.69 21.46 -2.91
CA LYS A 160 2.00 22.89 -2.85
C LYS A 160 3.17 23.20 -1.90
N ASP A 161 3.12 22.66 -0.66
CA ASP A 161 4.15 22.84 0.36
C ASP A 161 4.89 21.49 0.60
N ARG A 162 5.93 21.27 -0.22
CA ARG A 162 6.76 20.06 -0.23
C ARG A 162 7.67 19.91 0.97
N GLU A 163 8.20 21.03 1.51
CA GLU A 163 9.08 21.02 2.68
C GLU A 163 8.33 20.54 3.93
N ALA A 164 7.01 20.80 3.98
CA ALA A 164 6.16 20.36 5.08
C ALA A 164 6.08 18.82 5.07
N VAL A 165 5.96 18.21 3.87
CA VAL A 165 5.91 16.75 3.73
C VAL A 165 7.30 16.15 4.05
N GLU A 166 8.38 16.82 3.63
CA GLU A 166 9.78 16.44 3.91
C GLU A 166 10.03 16.33 5.42
N LYS A 167 9.54 17.30 6.20
CA LYS A 167 9.68 17.33 7.67
C LYS A 167 8.99 16.13 8.33
N LEU A 168 7.98 15.55 7.65
CA LEU A 168 7.27 14.39 8.17
C LEU A 168 7.91 13.09 7.73
N GLN A 169 8.42 13.03 6.49
CA GLN A 169 9.04 11.79 5.99
C GLN A 169 10.43 11.55 6.57
N GLU A 170 11.28 12.59 6.64
CA GLU A 170 12.67 12.43 7.13
C GLU A 170 12.77 11.69 8.51
N PRO A 171 11.97 11.98 9.57
CA PRO A 171 12.10 11.21 10.83
C PRO A 171 11.73 9.74 10.71
N LEU A 172 10.85 9.39 9.76
CA LEU A 172 10.47 8.00 9.51
C LEU A 172 11.60 7.23 8.86
N LEU A 173 12.35 7.86 7.94
CA LEU A 173 13.51 7.23 7.28
C LEU A 173 14.61 7.07 8.32
N ASP A 174 14.72 8.04 9.25
CA ASP A 174 15.69 7.99 10.36
C ASP A 174 15.39 6.78 11.26
N VAL A 175 14.11 6.59 11.65
CA VAL A 175 13.67 5.47 12.48
C VAL A 175 13.93 4.14 11.77
N LEU A 176 13.55 4.06 10.47
CA LEU A 176 13.75 2.83 9.70
C LEU A 176 15.21 2.46 9.61
N GLN A 177 16.09 3.41 9.31
CA GLN A 177 17.52 3.10 9.24
C GLN A 177 18.05 2.64 10.61
N LYS A 178 17.57 3.27 11.70
CA LYS A 178 17.97 2.91 13.06
C LYS A 178 17.53 1.49 13.42
N LEU A 179 16.30 1.09 13.02
CA LEU A 179 15.79 -0.27 13.24
C LEU A 179 16.58 -1.30 12.46
N CYS A 180 17.09 -0.96 11.25
CA CYS A 180 17.94 -1.84 10.46
C CYS A 180 19.27 -2.06 11.18
N LYS A 181 19.84 -1.00 11.78
CA LYS A 181 21.10 -1.07 12.53
C LYS A 181 20.93 -1.86 13.84
N ILE A 182 19.75 -1.74 14.50
CA ILE A 182 19.46 -2.47 15.75
C ILE A 182 19.19 -3.98 15.49
N HIS A 183 18.28 -4.29 14.55
CA HIS A 183 17.84 -5.66 14.30
C HIS A 183 18.66 -6.46 13.31
N GLN A 184 19.44 -5.80 12.43
CA GLN A 184 20.33 -6.49 11.49
C GLN A 184 21.76 -5.88 11.55
N PRO A 185 22.47 -5.91 12.70
CA PRO A 185 23.82 -5.30 12.74
C PRO A 185 24.85 -6.02 11.87
N GLU A 186 24.55 -7.29 11.53
CA GLU A 186 25.41 -8.13 10.70
C GLU A 186 25.20 -7.87 9.20
N ASN A 187 24.07 -7.23 8.81
CA ASN A 187 23.76 -6.92 7.41
CA ASN A 187 23.76 -6.92 7.41
C ASN A 187 23.69 -5.40 7.19
N PRO A 188 24.86 -4.71 6.97
CA PRO A 188 24.82 -3.25 6.77
C PRO A 188 24.07 -2.74 5.54
N GLN A 189 23.74 -3.64 4.60
CA GLN A 189 23.03 -3.29 3.37
C GLN A 189 21.51 -3.46 3.46
N HIS A 190 20.98 -3.90 4.62
CA HIS A 190 19.53 -4.11 4.83
C HIS A 190 18.70 -2.87 4.53
N PHE A 191 19.12 -1.69 4.99
CA PHE A 191 18.39 -0.43 4.72
C PHE A 191 18.38 -0.12 3.20
N ALA A 192 19.52 -0.33 2.52
CA ALA A 192 19.69 -0.16 1.08
C ALA A 192 18.73 -1.11 0.31
N CYS A 193 18.56 -2.35 0.82
CA CYS A 193 17.64 -3.34 0.24
C CYS A 193 16.18 -2.86 0.35
N LEU A 194 15.81 -2.25 1.50
CA LEU A 194 14.46 -1.74 1.70
C LEU A 194 14.21 -0.57 0.73
N LEU A 195 15.22 0.30 0.54
CA LEU A 195 15.13 1.41 -0.42
C LEU A 195 14.97 0.84 -1.84
N GLY A 196 15.62 -0.29 -2.11
CA GLY A 196 15.54 -1.02 -3.38
C GLY A 196 14.12 -1.44 -3.68
N ARG A 197 13.39 -1.82 -2.64
CA ARG A 197 11.99 -2.22 -2.74
C ARG A 197 11.10 -1.01 -3.02
N LEU A 198 11.45 0.17 -2.47
CA LEU A 198 10.73 1.43 -2.71
C LEU A 198 10.73 1.82 -4.21
N THR A 199 11.89 1.77 -4.86
CA THR A 199 12.01 2.10 -6.29
C THR A 199 11.23 1.09 -7.15
N GLU A 200 11.26 -0.20 -6.78
CA GLU A 200 10.50 -1.25 -7.48
C GLU A 200 8.99 -0.96 -7.35
N LEU A 201 8.51 -0.47 -6.17
CA LEU A 201 7.12 -0.08 -5.94
C LEU A 201 6.68 1.02 -6.90
N ARG A 202 7.55 2.02 -7.12
CA ARG A 202 7.27 3.15 -8.01
C ARG A 202 6.97 2.73 -9.46
N THR A 203 7.56 1.60 -9.93
CA THR A 203 7.32 1.09 -11.28
C THR A 203 5.89 0.58 -11.45
N PHE A 204 5.23 0.15 -10.36
CA PHE A 204 3.84 -0.32 -10.44
C PHE A 204 2.86 0.80 -10.77
N ASN A 205 3.27 2.07 -10.62
CA ASN A 205 2.41 3.21 -10.93
C ASN A 205 2.08 3.27 -12.39
N HIS A 206 3.12 3.29 -13.26
CA HIS A 206 2.98 3.31 -14.71
C HIS A 206 2.28 2.04 -15.14
N HIS A 207 2.81 0.86 -14.74
CA HIS A 207 2.28 -0.45 -15.10
C HIS A 207 0.77 -0.54 -14.79
N HIS A 208 0.38 -0.20 -13.56
CA HIS A 208 -1.02 -0.23 -13.11
C HIS A 208 -1.92 0.76 -13.89
N ALA A 209 -1.40 1.98 -14.15
CA ALA A 209 -2.14 3.02 -14.89
C ALA A 209 -2.36 2.59 -16.34
N GLU A 210 -1.33 1.98 -16.94
CA GLU A 210 -1.36 1.45 -18.31
C GLU A 210 -2.41 0.33 -18.40
N MET A 211 -2.44 -0.57 -17.38
CA MET A 211 -3.39 -1.69 -17.27
C MET A 211 -4.84 -1.18 -17.24
N LEU A 212 -5.07 -0.13 -16.45
CA LEU A 212 -6.35 0.54 -16.23
C LEU A 212 -6.93 1.18 -17.47
N MET A 213 -6.07 1.90 -18.24
CA MET A 213 -6.43 2.60 -19.47
C MET A 213 -6.85 1.64 -20.57
N SER A 214 -6.20 0.47 -20.62
CA SER A 214 -6.44 -0.58 -21.61
C SER A 214 -7.84 -1.22 -21.56
N TRP A 215 -8.49 -1.21 -20.39
CA TRP A 215 -9.82 -1.81 -20.22
C TRP A 215 -10.91 -1.02 -20.94
N ARG A 216 -11.54 -1.67 -21.94
CA ARG A 216 -12.61 -1.10 -22.74
C ARG A 216 -13.89 -0.97 -21.92
N VAL A 217 -14.73 0.03 -22.26
CA VAL A 217 -16.01 0.36 -21.61
C VAL A 217 -16.95 -0.88 -21.51
N ASN A 218 -16.92 -1.77 -22.53
CA ASN A 218 -17.75 -2.97 -22.59
C ASN A 218 -17.10 -4.22 -21.94
N ASP A 219 -15.83 -4.13 -21.53
CA ASP A 219 -15.11 -5.23 -20.86
C ASP A 219 -15.64 -5.38 -19.43
N HIS A 220 -15.66 -6.60 -18.90
CA HIS A 220 -16.14 -6.87 -17.54
C HIS A 220 -15.29 -6.17 -16.45
N LYS A 221 -14.01 -5.92 -16.74
CA LYS A 221 -13.06 -5.26 -15.83
C LYS A 221 -13.30 -3.74 -15.66
N PHE A 222 -13.99 -3.09 -16.62
CA PHE A 222 -14.25 -1.65 -16.59
C PHE A 222 -15.03 -1.24 -15.34
N THR A 223 -14.35 -0.50 -14.43
CA THR A 223 -14.93 -0.12 -13.14
C THR A 223 -14.72 1.37 -12.85
N PRO A 224 -15.76 2.20 -13.07
CA PRO A 224 -15.61 3.66 -12.85
C PRO A 224 -15.06 4.07 -11.49
N LEU A 225 -15.46 3.39 -10.40
CA LEU A 225 -14.95 3.72 -9.06
C LEU A 225 -13.44 3.48 -8.94
N LEU A 226 -12.91 2.40 -9.54
CA LEU A 226 -11.48 2.10 -9.52
C LEU A 226 -10.68 3.20 -10.22
N CYS A 227 -11.17 3.68 -11.38
CA CYS A 227 -10.58 4.75 -12.20
C CYS A 227 -10.43 6.04 -11.40
N GLU A 228 -11.45 6.41 -10.61
CA GLU A 228 -11.47 7.63 -9.80
C GLU A 228 -10.36 7.67 -8.76
N ILE A 229 -10.16 6.56 -8.03
CA ILE A 229 -9.12 6.48 -7.01
C ILE A 229 -7.72 6.44 -7.63
N TRP A 230 -7.47 5.48 -8.51
CA TRP A 230 -6.17 5.20 -9.12
C TRP A 230 -5.71 6.13 -10.25
N ASP A 231 -6.64 6.67 -11.07
CA ASP A 231 -6.43 7.52 -12.26
C ASP A 231 -6.16 6.67 -13.50
N ASP B 2 -13.75 16.89 -7.91
CA ASP B 2 -12.74 15.86 -8.16
C ASP B 2 -12.45 15.03 -6.90
N HIS B 3 -12.01 13.76 -7.09
CA HIS B 3 -11.65 12.80 -6.03
C HIS B 3 -12.65 12.81 -4.86
N GLN B 4 -13.95 12.73 -5.18
CA GLN B 4 -15.04 12.83 -4.22
C GLN B 4 -15.01 11.75 -3.14
N LEU B 5 -14.72 10.48 -3.51
CA LEU B 5 -14.64 9.42 -2.49
C LEU B 5 -13.54 9.68 -1.49
N LEU B 6 -12.30 9.99 -1.98
CA LEU B 6 -11.16 10.26 -1.10
C LEU B 6 -11.44 11.45 -0.19
N ARG B 7 -12.09 12.52 -0.73
CA ARG B 7 -12.45 13.71 0.07
C ARG B 7 -13.40 13.33 1.19
N TYR B 8 -14.46 12.54 0.88
CA TYR B 8 -15.41 12.07 1.90
C TYR B 8 -14.68 11.27 2.98
N LEU B 9 -13.84 10.28 2.58
CA LEU B 9 -13.11 9.44 3.54
C LEU B 9 -12.15 10.22 4.43
N LEU B 10 -11.49 11.24 3.88
CA LEU B 10 -10.55 12.04 4.65
C LEU B 10 -11.26 12.93 5.67
N ASP B 11 -12.39 13.51 5.27
CA ASP B 11 -13.13 14.48 6.08
C ASP B 11 -14.19 13.91 7.00
N LYS B 12 -14.49 12.62 6.88
CA LYS B 12 -15.48 12.00 7.77
C LYS B 12 -14.92 11.72 9.17
N ASP B 13 -15.80 11.39 10.13
CA ASP B 13 -15.45 11.09 11.51
C ASP B 13 -15.76 9.63 11.83
#